data_5PNX
#
_entry.id   5PNX
#
_cell.length_a   55.413
_cell.length_b   56.424
_cell.length_c   101.725
_cell.angle_alpha   90.000
_cell.angle_beta   90.000
_cell.angle_gamma   90.000
#
_symmetry.space_group_name_H-M   'P 21 21 21'
#
loop_
_entity.id
_entity.type
_entity.pdbx_description
1 polymer 'Bromodomain-containing protein 1'
2 non-polymer 1,2-ETHANEDIOL
3 non-polymer 5-methyl-1,2-oxazol-3-amine
4 non-polymer 'SODIUM ION'
5 water water
#
_entity_poly.entity_id   1
_entity_poly.type   'polypeptide(L)'
_entity_poly.pdbx_seq_one_letter_code
;MHHHHHHSSGVDLGTENLYFQSMEQVAMELRLTELTRLLRSVLDQLQDKDPARIFAQPVSLKEVPDYLDHIKHPMDFATM
RKRLEAQGYKNLHEFEEDFDLIIDNCMKYNARDTVFYRAAVRLRDQGGVVLRQARREVDSIGLEEASGMHLPERPA
;
_entity_poly.pdbx_strand_id   A,B
#
# COMPACT_ATOMS: atom_id res chain seq x y z
N SER A 22 22.75 -27.73 9.48
CA SER A 22 22.69 -28.53 8.26
C SER A 22 23.37 -27.81 7.09
N MET A 23 23.71 -28.57 6.06
CA MET A 23 24.30 -27.97 4.87
CA MET A 23 24.32 -27.97 4.87
C MET A 23 23.27 -27.13 4.12
N GLU A 24 22.02 -27.59 4.14
CA GLU A 24 20.95 -26.86 3.47
C GLU A 24 20.76 -25.47 4.08
N GLN A 25 20.77 -25.40 5.41
CA GLN A 25 20.57 -24.10 6.06
C GLN A 25 21.72 -23.16 5.73
N VAL A 26 22.94 -23.68 5.68
CA VAL A 26 24.09 -22.89 5.23
C VAL A 26 23.90 -22.38 3.79
N ALA A 27 23.39 -23.24 2.91
CA ALA A 27 23.19 -22.84 1.52
C ALA A 27 22.16 -21.72 1.45
N MET A 28 21.09 -21.86 2.23
CA MET A 28 20.04 -20.85 2.29
C MET A 28 20.61 -19.54 2.79
N GLU A 29 21.46 -19.62 3.79
CA GLU A 29 22.08 -18.42 4.34
C GLU A 29 23.03 -17.75 3.35
N LEU A 30 23.67 -18.55 2.50
CA LEU A 30 24.53 -17.98 1.46
C LEU A 30 23.69 -17.22 0.44
N ARG A 31 22.54 -17.78 0.09
CA ARG A 31 21.61 -17.14 -0.84
C ARG A 31 21.15 -15.80 -0.27
N LEU A 32 20.74 -15.80 0.99
CA LEU A 32 20.30 -14.57 1.66
C LEU A 32 21.42 -13.53 1.71
N THR A 33 22.64 -13.97 1.99
CA THR A 33 23.78 -13.06 2.02
C THR A 33 24.02 -12.45 0.65
N GLU A 34 23.86 -13.26 -0.39
CA GLU A 34 24.05 -12.75 -1.75
C GLU A 34 22.91 -11.81 -2.16
N LEU A 35 21.69 -12.11 -1.72
CA LEU A 35 20.58 -11.19 -1.97
C LEU A 35 20.85 -9.86 -1.30
N THR A 36 21.34 -9.93 -0.06
CA THR A 36 21.63 -8.73 0.72
C THR A 36 22.69 -7.88 0.01
N ARG A 37 23.68 -8.54 -0.60
CA ARG A 37 24.70 -7.85 -1.38
C ARG A 37 24.08 -7.13 -2.58
N LEU A 38 23.17 -7.80 -3.28
CA LEU A 38 22.54 -7.20 -4.45
C LEU A 38 21.66 -6.01 -4.05
N LEU A 39 20.89 -6.18 -2.98
CA LEU A 39 20.01 -5.11 -2.49
C LEU A 39 20.80 -3.93 -1.94
N ARG A 40 21.98 -4.18 -1.42
CA ARG A 40 22.81 -3.08 -0.96
C ARG A 40 23.25 -2.22 -2.15
N SER A 41 23.57 -2.86 -3.26
CA SER A 41 23.90 -2.15 -4.50
C SER A 41 22.67 -1.38 -5.01
N VAL A 42 21.52 -2.05 -5.02
CA VAL A 42 20.26 -1.38 -5.40
C VAL A 42 19.97 -0.17 -4.51
N LEU A 43 20.10 -0.34 -3.20
CA LEU A 43 19.83 0.76 -2.27
C LEU A 43 20.76 1.94 -2.55
N ASP A 44 22.03 1.67 -2.80
CA ASP A 44 22.97 2.74 -3.10
C ASP A 44 22.60 3.47 -4.38
N GLN A 45 22.17 2.73 -5.40
CA GLN A 45 21.77 3.34 -6.66
C GLN A 45 20.50 4.19 -6.50
N LEU A 46 19.54 3.68 -5.73
CA LEU A 46 18.31 4.43 -5.50
C LEU A 46 18.60 5.72 -4.74
N GLN A 47 19.47 5.63 -3.74
CA GLN A 47 19.76 6.79 -2.92
C GLN A 47 20.55 7.85 -3.68
N ASP A 48 21.29 7.43 -4.70
CA ASP A 48 22.00 8.39 -5.55
C ASP A 48 21.02 9.26 -6.33
N LYS A 49 19.78 8.77 -6.48
CA LYS A 49 18.75 9.53 -7.18
C LYS A 49 18.04 10.51 -6.25
N ASP A 50 18.58 10.65 -5.04
CA ASP A 50 18.09 11.61 -4.04
C ASP A 50 19.27 12.44 -3.53
N PRO A 51 19.91 13.22 -4.42
CA PRO A 51 21.10 13.95 -3.96
C PRO A 51 20.78 15.04 -2.95
N ALA A 52 19.52 15.47 -2.89
CA ALA A 52 19.08 16.44 -1.90
C ALA A 52 18.97 15.82 -0.50
N ARG A 53 19.02 14.48 -0.45
CA ARG A 53 18.90 13.71 0.81
C ARG A 53 17.60 13.98 1.56
N ILE A 54 16.56 14.25 0.80
CA ILE A 54 15.24 14.47 1.37
C ILE A 54 14.71 13.20 2.06
N PHE A 55 15.12 12.03 1.57
CA PHE A 55 14.59 10.76 2.08
C PHE A 55 15.59 9.95 2.90
N ALA A 56 16.69 10.59 3.24
CA ALA A 56 17.80 9.91 3.91
C ALA A 56 17.50 9.46 5.33
N GLN A 57 16.68 10.22 6.05
CA GLN A 57 16.44 10.00 7.47
C GLN A 57 14.95 9.99 7.80
N PRO A 58 14.55 9.41 8.93
CA PRO A 58 13.15 9.48 9.33
C PRO A 58 12.67 10.91 9.47
N VAL A 59 11.41 11.16 9.13
CA VAL A 59 10.80 12.44 9.44
C VAL A 59 10.85 12.63 10.96
N SER A 60 11.34 13.79 11.39
CA SER A 60 11.47 14.08 12.82
C SER A 60 10.14 14.36 13.51
N LEU A 61 9.85 13.59 14.56
CA LEU A 61 8.60 13.77 15.28
C LEU A 61 8.69 14.96 16.21
N LYS A 62 9.91 15.45 16.42
CA LYS A 62 10.09 16.72 17.13
C LYS A 62 9.69 17.89 16.23
N GLU A 63 10.10 17.83 14.97
CA GLU A 63 9.83 18.91 14.02
C GLU A 63 8.47 18.78 13.31
N VAL A 64 7.95 17.56 13.25
CA VAL A 64 6.60 17.33 12.71
C VAL A 64 5.83 16.46 13.69
N PRO A 65 5.36 17.07 14.79
CA PRO A 65 4.78 16.27 15.88
C PRO A 65 3.51 15.51 15.50
N ASP A 66 2.80 15.93 14.46
CA ASP A 66 1.55 15.28 14.09
C ASP A 66 1.73 14.21 13.00
N TYR A 67 2.99 13.93 12.64
CA TYR A 67 3.25 13.09 11.46
C TYR A 67 2.55 11.72 11.52
N LEU A 68 2.57 11.08 12.69
CA LEU A 68 2.02 9.73 12.81
C LEU A 68 0.49 9.72 12.78
N ASP A 69 -0.15 10.89 12.92
CA ASP A 69 -1.59 11.00 12.68
C ASP A 69 -1.91 10.85 11.20
N HIS A 70 -0.94 11.22 10.36
CA HIS A 70 -1.11 11.20 8.92
C HIS A 70 -0.58 9.91 8.31
N ILE A 71 0.63 9.53 8.72
CA ILE A 71 1.37 8.45 8.11
C ILE A 71 1.54 7.30 9.10
N LYS A 72 0.94 6.16 8.77
CA LYS A 72 0.90 5.06 9.74
C LYS A 72 2.14 4.16 9.69
N HIS A 73 2.84 4.17 8.56
CA HIS A 73 4.06 3.39 8.45
C HIS A 73 5.19 4.21 7.83
N PRO A 74 5.85 5.04 8.65
CA PRO A 74 6.98 5.84 8.15
C PRO A 74 8.11 4.97 7.61
N MET A 75 8.83 5.51 6.62
CA MET A 75 9.99 4.81 6.10
C MET A 75 10.99 5.83 5.55
N ASP A 76 12.26 5.43 5.50
CA ASP A 76 13.33 6.29 5.00
C ASP A 76 14.53 5.42 4.64
N PHE A 77 15.53 5.98 3.97
CA PHE A 77 16.65 5.16 3.53
C PHE A 77 17.49 4.61 4.69
N ALA A 78 17.64 5.38 5.77
CA ALA A 78 18.44 4.91 6.90
C ALA A 78 17.79 3.71 7.57
N THR A 79 16.47 3.73 7.68
CA THR A 79 15.75 2.63 8.30
C THR A 79 15.84 1.39 7.41
N MET A 80 15.78 1.57 6.09
CA MET A 80 15.93 0.45 5.17
C MET A 80 17.33 -0.16 5.33
N ARG A 81 18.33 0.69 5.45
CA ARG A 81 19.70 0.20 5.53
C ARG A 81 19.92 -0.62 6.81
N LYS A 82 19.31 -0.20 7.90
CA LYS A 82 19.37 -0.97 9.15
C LYS A 82 18.80 -2.37 8.96
N ARG A 83 17.63 -2.45 8.35
CA ARG A 83 17.00 -3.74 8.10
C ARG A 83 17.83 -4.60 7.16
N LEU A 84 18.39 -3.97 6.13
CA LEU A 84 19.21 -4.67 5.15
C LEU A 84 20.44 -5.33 5.79
N GLU A 85 21.12 -4.60 6.67
CA GLU A 85 22.35 -5.12 7.27
C GLU A 85 22.09 -6.19 8.31
N ALA A 86 20.84 -6.30 8.76
CA ALA A 86 20.42 -7.40 9.62
C ALA A 86 19.88 -8.54 8.76
N GLN A 87 20.08 -8.43 7.45
CA GLN A 87 19.53 -9.38 6.48
C GLN A 87 18.03 -9.60 6.69
N GLY A 88 17.30 -8.50 6.87
CA GLY A 88 15.88 -8.55 7.14
C GLY A 88 14.97 -8.48 5.92
N TYR A 89 15.56 -8.41 4.73
CA TYR A 89 14.79 -8.51 3.49
C TYR A 89 14.97 -9.91 2.89
N LYS A 90 13.90 -10.70 2.88
CA LYS A 90 13.99 -12.09 2.43
C LYS A 90 13.89 -12.23 0.92
N ASN A 91 13.31 -11.22 0.28
CA ASN A 91 13.14 -11.20 -1.16
C ASN A 91 13.06 -9.75 -1.65
N LEU A 92 13.10 -9.54 -2.96
CA LEU A 92 13.06 -8.20 -3.52
C LEU A 92 11.73 -7.49 -3.27
N HIS A 93 10.64 -8.24 -3.24
CA HIS A 93 9.32 -7.66 -3.00
C HIS A 93 9.27 -6.91 -1.67
N GLU A 94 9.86 -7.49 -0.63
CA GLU A 94 9.86 -6.83 0.69
C GLU A 94 10.65 -5.52 0.66
N PHE A 95 11.75 -5.51 -0.08
CA PHE A 95 12.58 -4.33 -0.25
C PHE A 95 11.81 -3.26 -1.01
N GLU A 96 11.17 -3.67 -2.10
CA GLU A 96 10.37 -2.73 -2.89
CA GLU A 96 10.37 -2.73 -2.89
C GLU A 96 9.21 -2.13 -2.11
N GLU A 97 8.60 -2.91 -1.23
N GLU A 97 8.60 -2.90 -1.22
CA GLU A 97 7.50 -2.43 -0.41
CA GLU A 97 7.48 -2.39 -0.43
C GLU A 97 7.97 -1.22 0.40
C GLU A 97 7.92 -1.27 0.52
N ASP A 98 9.15 -1.34 1.00
CA ASP A 98 9.69 -0.27 1.84
C ASP A 98 10.05 0.95 0.99
N PHE A 99 10.63 0.73 -0.18
CA PHE A 99 10.94 1.86 -1.08
C PHE A 99 9.65 2.59 -1.47
N ASP A 100 8.62 1.84 -1.81
CA ASP A 100 7.35 2.45 -2.20
C ASP A 100 6.75 3.25 -1.04
N LEU A 101 6.95 2.79 0.20
CA LEU A 101 6.47 3.53 1.37
C LEU A 101 7.12 4.91 1.44
N ILE A 102 8.42 4.98 1.18
CA ILE A 102 9.10 6.27 1.21
C ILE A 102 8.40 7.25 0.26
N ILE A 103 8.18 6.81 -0.97
CA ILE A 103 7.56 7.62 -2.01
CA ILE A 103 7.58 7.65 -2.00
C ILE A 103 6.10 7.95 -1.70
N ASP A 104 5.35 6.91 -1.37
CA ASP A 104 3.91 7.08 -1.18
C ASP A 104 3.58 7.91 0.06
N ASN A 105 4.35 7.76 1.13
CA ASN A 105 4.13 8.56 2.33
C ASN A 105 4.30 10.04 1.99
N CYS A 106 5.38 10.32 1.27
CA CYS A 106 5.72 11.69 0.92
C CYS A 106 4.65 12.33 0.04
N MET A 107 4.12 11.57 -0.92
CA MET A 107 3.15 12.13 -1.86
C MET A 107 1.76 12.29 -1.23
N LYS A 108 1.54 11.70 -0.05
CA LYS A 108 0.29 11.97 0.67
CA LYS A 108 0.32 11.92 0.74
C LYS A 108 0.45 13.15 1.62
N TYR A 109 1.53 13.19 2.38
CA TYR A 109 1.69 14.24 3.39
C TYR A 109 1.91 15.60 2.76
N ASN A 110 2.63 15.61 1.64
CA ASN A 110 3.00 16.88 1.00
C ASN A 110 2.18 17.14 -0.25
N ALA A 111 1.87 18.41 -0.52
CA ALA A 111 1.06 18.75 -1.69
C ALA A 111 1.89 18.74 -2.96
N ARG A 112 1.21 18.68 -4.10
CA ARG A 112 1.87 18.63 -5.42
C ARG A 112 2.85 19.75 -5.69
N ASP A 113 2.62 20.92 -5.12
CA ASP A 113 3.43 22.09 -5.45
C ASP A 113 4.65 22.23 -4.53
N THR A 114 5.05 21.15 -3.86
CA THR A 114 6.15 21.25 -2.92
C THR A 114 7.39 20.54 -3.45
N VAL A 115 8.55 20.97 -2.96
CA VAL A 115 9.82 20.36 -3.35
C VAL A 115 9.85 18.89 -2.88
N PHE A 116 9.16 18.60 -1.79
N PHE A 116 9.16 18.60 -1.79
CA PHE A 116 9.12 17.24 -1.25
CA PHE A 116 9.11 17.24 -1.25
C PHE A 116 8.38 16.29 -2.18
C PHE A 116 8.38 16.29 -2.18
N TYR A 117 7.16 16.67 -2.57
CA TYR A 117 6.36 15.84 -3.46
C TYR A 117 7.11 15.63 -4.78
N ARG A 118 7.67 16.71 -5.30
CA ARG A 118 8.33 16.64 -6.60
C ARG A 118 9.58 15.78 -6.53
N ALA A 119 10.28 15.79 -5.39
CA ALA A 119 11.44 14.93 -5.21
C ALA A 119 11.01 13.46 -5.21
N ALA A 120 9.86 13.18 -4.61
CA ALA A 120 9.37 11.80 -4.58
C ALA A 120 9.00 11.30 -5.98
N VAL A 121 8.38 12.15 -6.80
CA VAL A 121 8.04 11.76 -8.17
C VAL A 121 9.29 11.43 -8.97
N ARG A 122 10.31 12.27 -8.85
CA ARG A 122 11.57 12.05 -9.58
C ARG A 122 12.25 10.78 -9.10
N LEU A 123 12.25 10.54 -7.80
CA LEU A 123 12.86 9.32 -7.25
C LEU A 123 12.12 8.06 -7.72
N ARG A 124 10.79 8.11 -7.72
CA ARG A 124 9.97 7.02 -8.22
CA ARG A 124 10.02 6.98 -8.22
C ARG A 124 10.30 6.70 -9.69
N ASP A 125 10.36 7.74 -10.50
CA ASP A 125 10.59 7.57 -11.93
C ASP A 125 11.98 7.02 -12.21
N GLN A 126 12.99 7.62 -11.58
CA GLN A 126 14.37 7.18 -11.80
C GLN A 126 14.64 5.83 -11.16
N GLY A 127 13.96 5.55 -10.06
CA GLY A 127 14.15 4.30 -9.34
C GLY A 127 13.58 3.11 -10.10
N GLY A 128 12.54 3.35 -10.88
CA GLY A 128 11.88 2.29 -11.63
C GLY A 128 12.83 1.56 -12.55
N VAL A 129 13.73 2.31 -13.16
CA VAL A 129 14.75 1.76 -14.06
C VAL A 129 15.62 0.74 -13.34
N VAL A 130 16.11 1.16 -12.17
CA VAL A 130 16.99 0.34 -11.34
C VAL A 130 16.29 -0.94 -10.88
N LEU A 131 15.07 -0.79 -10.40
CA LEU A 131 14.29 -1.91 -9.88
C LEU A 131 13.88 -2.90 -10.96
N ARG A 132 13.69 -2.41 -12.19
CA ARG A 132 13.36 -3.29 -13.31
C ARG A 132 14.47 -4.30 -13.54
N GLN A 133 15.72 -3.84 -13.53
CA GLN A 133 16.83 -4.72 -13.83
C GLN A 133 17.16 -5.58 -12.62
N ALA A 134 16.94 -5.03 -11.43
CA ALA A 134 17.16 -5.78 -10.19
C ALA A 134 16.29 -7.03 -10.16
N ARG A 135 15.04 -6.89 -10.59
CA ARG A 135 14.13 -8.03 -10.64
C ARG A 135 14.66 -9.09 -11.58
N ARG A 136 15.17 -8.67 -12.73
CA ARG A 136 15.76 -9.62 -13.67
C ARG A 136 16.96 -10.34 -13.07
N GLU A 137 17.82 -9.62 -12.35
CA GLU A 137 19.00 -10.22 -11.74
C GLU A 137 18.66 -11.20 -10.62
N VAL A 138 17.67 -10.85 -9.81
CA VAL A 138 17.24 -11.72 -8.73
C VAL A 138 16.66 -13.02 -9.30
N ASP A 139 15.84 -12.89 -10.34
CA ASP A 139 15.29 -14.06 -11.04
C ASP A 139 16.37 -14.88 -11.72
N SER A 140 17.27 -14.20 -12.43
CA SER A 140 18.33 -14.88 -13.18
C SER A 140 19.26 -15.65 -12.25
N ILE A 141 19.89 -14.94 -11.31
CA ILE A 141 20.81 -15.57 -10.38
C ILE A 141 20.07 -16.48 -9.39
N GLY A 142 18.75 -16.31 -9.29
CA GLY A 142 17.93 -17.10 -8.40
C GLY A 142 18.28 -16.88 -6.94
N LEU A 143 18.00 -15.68 -6.44
CA LEU A 143 18.41 -15.32 -5.08
C LEU A 143 17.29 -15.32 -4.06
N GLU A 144 16.13 -15.88 -4.42
CA GLU A 144 14.99 -15.89 -3.51
C GLU A 144 14.10 -17.11 -3.74
N SER B 22 -19.72 -33.48 -4.54
CA SER B 22 -18.88 -33.92 -3.43
C SER B 22 -19.02 -32.95 -2.29
N MET B 23 -18.71 -33.40 -1.07
CA MET B 23 -18.76 -32.53 0.09
C MET B 23 -17.66 -31.48 0.04
N GLU B 24 -16.59 -31.77 -0.69
CA GLU B 24 -15.55 -30.78 -0.92
C GLU B 24 -16.10 -29.58 -1.72
N GLN B 25 -16.93 -29.85 -2.74
CA GLN B 25 -17.59 -28.78 -3.50
C GLN B 25 -18.56 -27.99 -2.63
N VAL B 26 -19.29 -28.72 -1.80
CA VAL B 26 -20.21 -28.08 -0.89
C VAL B 26 -19.46 -27.10 0.03
N ALA B 27 -18.34 -27.55 0.60
CA ALA B 27 -17.59 -26.68 1.49
C ALA B 27 -17.02 -25.46 0.78
N MET B 28 -16.54 -25.64 -0.45
CA MET B 28 -16.02 -24.51 -1.21
CA MET B 28 -16.02 -24.53 -1.26
C MET B 28 -17.10 -23.48 -1.52
N GLU B 29 -18.29 -23.95 -1.91
CA GLU B 29 -19.37 -23.02 -2.20
C GLU B 29 -19.84 -22.31 -0.93
N LEU B 30 -19.88 -22.99 0.21
CA LEU B 30 -20.19 -22.33 1.49
C LEU B 30 -19.16 -21.26 1.84
N ARG B 31 -17.87 -21.55 1.66
CA ARG B 31 -16.85 -20.56 1.98
C ARG B 31 -17.02 -19.34 1.07
N LEU B 32 -17.38 -19.58 -0.20
CA LEU B 32 -17.64 -18.48 -1.15
C LEU B 32 -18.80 -17.61 -0.70
N THR B 33 -19.93 -18.23 -0.33
CA THR B 33 -21.09 -17.42 -0.04
C THR B 33 -20.96 -16.73 1.33
N GLU B 34 -20.23 -17.36 2.25
CA GLU B 34 -20.00 -16.72 3.55
C GLU B 34 -19.02 -15.56 3.46
N LEU B 35 -17.97 -15.71 2.65
CA LEU B 35 -17.08 -14.59 2.37
C LEU B 35 -17.89 -13.43 1.77
N THR B 36 -18.75 -13.73 0.81
CA THR B 36 -19.52 -12.67 0.16
C THR B 36 -20.44 -11.97 1.16
N ARG B 37 -21.09 -12.73 2.02
CA ARG B 37 -21.93 -12.16 3.07
CA ARG B 37 -21.93 -12.16 3.07
C ARG B 37 -21.13 -11.21 3.96
N LEU B 38 -19.96 -11.66 4.38
CA LEU B 38 -19.10 -10.82 5.22
C LEU B 38 -18.68 -9.54 4.50
N LEU B 39 -18.17 -9.66 3.28
CA LEU B 39 -17.72 -8.47 2.57
C LEU B 39 -18.86 -7.49 2.28
N ARG B 40 -20.06 -8.01 2.01
CA ARG B 40 -21.20 -7.14 1.78
C ARG B 40 -21.51 -6.32 3.03
N SER B 41 -21.41 -6.97 4.19
CA SER B 41 -21.63 -6.29 5.46
C SER B 41 -20.55 -5.23 5.71
N VAL B 42 -19.30 -5.59 5.43
CA VAL B 42 -18.21 -4.64 5.60
C VAL B 42 -18.41 -3.44 4.68
N LEU B 43 -18.71 -3.69 3.41
CA LEU B 43 -18.90 -2.57 2.49
C LEU B 43 -20.06 -1.66 2.93
N ASP B 44 -21.16 -2.25 3.38
N ASP B 44 -21.15 -2.27 3.41
CA ASP B 44 -22.27 -1.45 3.86
CA ASP B 44 -22.28 -1.50 3.90
C ASP B 44 -21.86 -0.62 5.08
C ASP B 44 -21.87 -0.63 5.07
N GLN B 45 -21.09 -1.20 5.99
CA GLN B 45 -20.60 -0.46 7.17
C GLN B 45 -19.71 0.70 6.75
N LEU B 46 -18.84 0.47 5.78
CA LEU B 46 -17.94 1.52 5.32
C LEU B 46 -18.72 2.65 4.64
N GLN B 47 -19.63 2.31 3.72
CA GLN B 47 -20.43 3.35 3.05
C GLN B 47 -21.32 4.15 3.97
N ASP B 48 -21.87 3.51 5.00
CA ASP B 48 -22.73 4.22 5.93
CA ASP B 48 -22.73 4.20 5.96
C ASP B 48 -21.98 5.32 6.68
N LYS B 49 -20.65 5.24 6.69
CA LYS B 49 -19.81 6.25 7.34
C LYS B 49 -19.49 7.42 6.41
N ASP B 50 -20.00 7.35 5.18
CA ASP B 50 -19.75 8.39 4.18
C ASP B 50 -21.07 8.97 3.66
N PRO B 51 -21.85 9.62 4.54
CA PRO B 51 -23.14 10.17 4.10
C PRO B 51 -23.03 11.32 3.09
N ALA B 52 -21.88 11.99 3.02
CA ALA B 52 -21.67 13.03 2.04
C ALA B 52 -21.39 12.43 0.65
N ARG B 53 -21.26 11.10 0.59
CA ARG B 53 -21.01 10.37 -0.67
CA ARG B 53 -21.01 10.37 -0.67
C ARG B 53 -19.74 10.82 -1.38
N ILE B 54 -18.73 11.21 -0.60
CA ILE B 54 -17.44 11.61 -1.15
C ILE B 54 -16.76 10.47 -1.92
N PHE B 55 -16.92 9.25 -1.41
CA PHE B 55 -16.24 8.07 -1.99
C PHE B 55 -17.20 7.13 -2.68
N ALA B 56 -18.43 7.59 -2.93
CA ALA B 56 -19.48 6.70 -3.43
C ALA B 56 -19.34 6.30 -4.90
N GLN B 57 -18.82 7.21 -5.70
CA GLN B 57 -18.81 7.06 -7.16
C GLN B 57 -17.44 7.46 -7.68
N PRO B 58 -17.07 6.98 -8.88
CA PRO B 58 -15.81 7.42 -9.48
C PRO B 58 -15.70 8.94 -9.55
N VAL B 59 -14.50 9.47 -9.32
CA VAL B 59 -14.27 10.90 -9.54
C VAL B 59 -14.60 11.25 -10.99
N SER B 60 -15.30 12.37 -11.17
CA SER B 60 -15.69 12.83 -12.50
C SER B 60 -14.54 13.55 -13.21
N LEU B 61 -14.16 13.01 -14.37
CA LEU B 61 -13.10 13.60 -15.17
C LEU B 61 -13.56 14.93 -15.73
N LYS B 62 -14.88 15.07 -15.92
CA LYS B 62 -15.44 16.34 -16.37
C LYS B 62 -15.23 17.41 -15.31
N GLU B 63 -15.49 17.08 -14.05
CA GLU B 63 -15.33 18.01 -12.95
C GLU B 63 -13.88 18.16 -12.48
N VAL B 64 -13.08 17.11 -12.70
CA VAL B 64 -11.69 17.11 -12.26
C VAL B 64 -10.78 16.62 -13.39
N PRO B 65 -10.54 17.47 -14.40
CA PRO B 65 -9.85 17.09 -15.64
C PRO B 65 -8.44 16.56 -15.43
N ASP B 66 -7.78 16.96 -14.35
CA ASP B 66 -6.40 16.52 -14.15
C ASP B 66 -6.26 15.29 -13.25
N TYR B 67 -7.37 14.65 -12.90
CA TYR B 67 -7.33 13.55 -11.91
C TYR B 67 -6.40 12.41 -12.33
N LEU B 68 -6.49 12.00 -13.60
CA LEU B 68 -5.67 10.87 -14.09
C LEU B 68 -4.23 11.27 -14.38
N ASP B 69 -3.94 12.56 -14.36
CA ASP B 69 -2.53 12.99 -14.41
C ASP B 69 -1.78 12.47 -13.20
N HIS B 70 -2.50 12.30 -12.09
CA HIS B 70 -1.88 12.01 -10.80
C HIS B 70 -2.29 10.67 -10.20
N ILE B 71 -3.50 10.22 -10.48
CA ILE B 71 -3.99 8.98 -9.89
C ILE B 71 -4.01 7.88 -10.95
N LYS B 72 -3.19 6.85 -10.73
CA LYS B 72 -3.02 5.76 -11.68
C LYS B 72 -4.16 4.74 -11.65
N HIS B 73 -4.68 4.45 -10.46
CA HIS B 73 -5.76 3.46 -10.32
C HIS B 73 -6.92 3.99 -9.48
N PRO B 74 -7.86 4.69 -10.13
CA PRO B 74 -9.04 5.21 -9.42
C PRO B 74 -9.85 4.09 -8.75
N MET B 75 -10.45 4.39 -7.61
CA MET B 75 -11.33 3.42 -6.95
C MET B 75 -12.39 4.16 -6.15
N ASP B 76 -13.54 3.51 -5.93
CA ASP B 76 -14.69 4.09 -5.24
C ASP B 76 -15.61 2.98 -4.78
N PHE B 77 -16.56 3.29 -3.91
CA PHE B 77 -17.40 2.25 -3.31
C PHE B 77 -18.32 1.55 -4.34
N ALA B 78 -18.79 2.27 -5.35
CA ALA B 78 -19.68 1.63 -6.34
C ALA B 78 -18.91 0.59 -7.15
N THR B 79 -17.67 0.90 -7.51
CA THR B 79 -16.81 -0.01 -8.25
C THR B 79 -16.46 -1.22 -7.39
N MET B 80 -16.28 -1.01 -6.09
CA MET B 80 -16.05 -2.14 -5.18
C MET B 80 -17.30 -3.02 -5.09
N ARG B 81 -18.48 -2.41 -5.06
CA ARG B 81 -19.71 -3.19 -4.95
C ARG B 81 -19.93 -4.03 -6.20
N LYS B 82 -19.60 -3.46 -7.36
CA LYS B 82 -19.68 -4.18 -8.62
C LYS B 82 -18.79 -5.40 -8.60
N ARG B 83 -17.55 -5.23 -8.15
CA ARG B 83 -16.59 -6.33 -8.10
C ARG B 83 -17.07 -7.40 -7.10
N LEU B 84 -17.55 -6.96 -5.94
CA LEU B 84 -18.07 -7.87 -4.94
C LEU B 84 -19.19 -8.76 -5.46
N GLU B 85 -20.20 -8.13 -6.04
CA GLU B 85 -21.41 -8.86 -6.42
C GLU B 85 -21.17 -9.73 -7.64
N ALA B 86 -20.10 -9.43 -8.37
CA ALA B 86 -19.72 -10.24 -9.54
C ALA B 86 -18.78 -11.37 -9.18
N GLN B 87 -18.60 -11.62 -7.89
CA GLN B 87 -17.70 -12.66 -7.39
C GLN B 87 -16.21 -12.40 -7.71
N GLY B 88 -15.81 -11.13 -7.75
CA GLY B 88 -14.46 -10.75 -8.09
C GLY B 88 -13.47 -10.59 -6.94
N TYR B 89 -13.94 -10.75 -5.71
CA TYR B 89 -13.02 -10.77 -4.57
C TYR B 89 -12.81 -12.20 -4.10
N LYS B 90 -11.58 -12.68 -4.21
CA LYS B 90 -11.23 -14.04 -3.83
C LYS B 90 -11.04 -14.20 -2.34
N ASN B 91 -10.63 -13.11 -1.68
CA ASN B 91 -10.36 -13.12 -0.24
C ASN B 91 -10.47 -11.72 0.34
N LEU B 92 -10.39 -11.61 1.67
CA LEU B 92 -10.52 -10.32 2.34
C LEU B 92 -9.41 -9.36 1.94
N HIS B 93 -8.20 -9.88 1.75
CA HIS B 93 -7.09 -9.00 1.40
C HIS B 93 -7.33 -8.24 0.10
N GLU B 94 -7.88 -8.91 -0.92
CA GLU B 94 -8.17 -8.24 -2.19
C GLU B 94 -9.15 -7.07 -1.99
N PHE B 95 -10.13 -7.28 -1.11
CA PHE B 95 -11.09 -6.24 -0.75
C PHE B 95 -10.37 -5.10 -0.02
N GLU B 96 -9.52 -5.44 0.96
CA GLU B 96 -8.74 -4.45 1.69
CA GLU B 96 -8.75 -4.45 1.70
C GLU B 96 -7.90 -3.58 0.77
N GLU B 97 -7.29 -4.19 -0.24
CA GLU B 97 -6.46 -3.46 -1.18
C GLU B 97 -7.26 -2.41 -1.94
N ASP B 98 -8.50 -2.73 -2.33
CA ASP B 98 -9.33 -1.73 -3.03
C ASP B 98 -9.75 -0.59 -2.06
N PHE B 99 -10.08 -0.93 -0.82
CA PHE B 99 -10.40 0.12 0.17
C PHE B 99 -9.19 1.03 0.37
N ASP B 100 -8.01 0.44 0.49
CA ASP B 100 -6.80 1.25 0.64
C ASP B 100 -6.58 2.17 -0.57
N LEU B 101 -6.97 1.74 -1.77
CA LEU B 101 -6.85 2.58 -2.95
C LEU B 101 -7.70 3.82 -2.80
N ILE B 102 -8.93 3.61 -2.33
CA ILE B 102 -9.83 4.75 -2.14
C ILE B 102 -9.20 5.80 -1.23
N ILE B 103 -8.68 5.34 -0.11
CA ILE B 103 -8.07 6.21 0.90
C ILE B 103 -6.78 6.85 0.39
N ASP B 104 -5.91 6.02 -0.19
CA ASP B 104 -4.59 6.50 -0.63
C ASP B 104 -4.72 7.50 -1.79
N ASN B 105 -5.62 7.23 -2.73
CA ASN B 105 -5.81 8.16 -3.85
C ASN B 105 -6.25 9.53 -3.36
N CYS B 106 -7.16 9.51 -2.39
CA CYS B 106 -7.70 10.76 -1.84
C CYS B 106 -6.63 11.52 -1.09
N MET B 107 -5.83 10.82 -0.30
CA MET B 107 -4.76 11.48 0.46
C MET B 107 -3.64 11.97 -0.46
N LYS B 108 -3.44 11.30 -1.60
CA LYS B 108 -2.45 11.74 -2.58
CA LYS B 108 -2.45 11.76 -2.58
C LYS B 108 -2.93 12.95 -3.38
N TYR B 109 -4.19 12.93 -3.81
CA TYR B 109 -4.70 13.99 -4.68
C TYR B 109 -4.99 15.28 -3.92
N ASN B 110 -5.45 15.17 -2.69
CA ASN B 110 -5.84 16.36 -1.92
C ASN B 110 -4.77 16.78 -0.92
N ALA B 111 -4.62 18.10 -0.74
CA ALA B 111 -3.68 18.60 0.27
C ALA B 111 -4.16 18.25 1.69
N ARG B 112 -3.23 18.13 2.64
CA ARG B 112 -3.60 17.59 3.94
C ARG B 112 -4.55 18.52 4.72
N ASP B 113 -4.44 19.83 4.51
CA ASP B 113 -5.32 20.75 5.20
C ASP B 113 -6.56 21.02 4.34
N THR B 114 -7.33 19.97 4.03
CA THR B 114 -8.57 20.05 3.26
C THR B 114 -9.64 19.12 3.85
N VAL B 115 -10.89 19.42 3.56
CA VAL B 115 -12.00 18.60 4.05
C VAL B 115 -11.95 17.17 3.47
N PHE B 116 -11.66 17.04 2.18
CA PHE B 116 -11.65 15.70 1.59
C PHE B 116 -10.48 14.85 2.12
N TYR B 117 -9.29 15.44 2.30
CA TYR B 117 -8.19 14.67 2.91
C TYR B 117 -8.57 14.23 4.30
N ARG B 118 -9.13 15.13 5.10
CA ARG B 118 -9.52 14.74 6.46
C ARG B 118 -10.61 13.68 6.45
N ALA B 119 -11.48 13.67 5.43
CA ALA B 119 -12.50 12.63 5.33
C ALA B 119 -11.84 11.27 5.10
N ALA B 120 -10.81 11.26 4.26
CA ALA B 120 -10.10 10.01 4.01
C ALA B 120 -9.40 9.48 5.28
N VAL B 121 -8.79 10.39 6.05
CA VAL B 121 -8.15 10.00 7.31
C VAL B 121 -9.19 9.44 8.29
N ARG B 122 -10.35 10.08 8.34
CA ARG B 122 -11.45 9.64 9.19
C ARG B 122 -11.93 8.24 8.79
N LEU B 123 -12.19 8.06 7.50
CA LEU B 123 -12.65 6.78 6.99
C LEU B 123 -11.58 5.68 7.11
N ARG B 124 -10.31 6.06 6.97
CA ARG B 124 -9.22 5.12 7.16
C ARG B 124 -9.22 4.57 8.58
N ASP B 125 -9.37 5.46 9.57
N ASP B 125 -9.42 5.44 9.55
CA ASP B 125 -9.41 5.07 11.00
CA ASP B 125 -9.29 5.01 10.93
C ASP B 125 -10.54 4.12 11.24
C ASP B 125 -10.56 4.26 11.42
N GLN B 126 -11.72 4.57 10.86
CA GLN B 126 -12.95 3.81 11.12
C GLN B 126 -12.91 2.49 10.37
N GLY B 127 -12.47 2.55 9.11
CA GLY B 127 -12.40 1.38 8.27
C GLY B 127 -11.40 0.35 8.75
N GLY B 128 -10.27 0.83 9.28
CA GLY B 128 -9.27 -0.06 9.84
C GLY B 128 -9.85 -0.95 10.92
N VAL B 129 -10.70 -0.36 11.77
CA VAL B 129 -11.32 -1.11 12.85
C VAL B 129 -12.29 -2.15 12.26
N VAL B 130 -13.10 -1.75 11.31
CA VAL B 130 -14.06 -2.65 10.68
C VAL B 130 -13.33 -3.82 10.02
N LEU B 131 -12.22 -3.53 9.35
CA LEU B 131 -11.49 -4.56 8.61
C LEU B 131 -10.75 -5.49 9.54
N ARG B 132 -10.24 -4.98 10.65
CA ARG B 132 -9.62 -5.87 11.62
C ARG B 132 -10.64 -6.81 12.25
N GLN B 133 -11.86 -6.34 12.47
CA GLN B 133 -12.94 -7.20 12.94
C GLN B 133 -13.30 -8.21 11.86
N ALA B 134 -13.30 -7.79 10.60
CA ALA B 134 -13.61 -8.72 9.52
C ALA B 134 -12.56 -9.83 9.46
N ARG B 135 -11.30 -9.51 9.77
CA ARG B 135 -10.25 -10.53 9.78
C ARG B 135 -10.51 -11.54 10.90
N ARG B 136 -10.95 -11.06 12.06
CA ARG B 136 -11.32 -11.96 13.15
C ARG B 136 -12.45 -12.89 12.72
N GLU B 137 -13.41 -12.36 11.94
CA GLU B 137 -14.52 -13.18 11.46
C GLU B 137 -14.07 -14.20 10.41
N VAL B 138 -13.18 -13.80 9.51
CA VAL B 138 -12.60 -14.76 8.56
C VAL B 138 -11.98 -15.95 9.30
N ASP B 139 -11.26 -15.66 10.36
CA ASP B 139 -10.60 -16.72 11.10
C ASP B 139 -11.60 -17.59 11.86
N SER B 140 -12.61 -16.94 12.43
CA SER B 140 -13.61 -17.65 13.23
C SER B 140 -14.52 -18.53 12.36
N ILE B 141 -14.88 -18.02 11.18
CA ILE B 141 -15.77 -18.75 10.26
C ILE B 141 -15.03 -19.85 9.50
N GLY B 142 -13.71 -19.66 9.34
CA GLY B 142 -12.87 -20.61 8.62
C GLY B 142 -12.77 -20.40 7.12
N LEU B 143 -12.75 -19.14 6.70
CA LEU B 143 -12.90 -18.80 5.29
C LEU B 143 -11.59 -18.94 4.50
N GLU B 144 -10.47 -19.05 5.20
CA GLU B 144 -9.19 -19.28 4.52
C GLU B 144 -8.52 -20.60 4.93
#